data_6V0L
#
_entry.id   6V0L
#
loop_
_entity.id
_entity.type
_entity.pdbx_description
1 polymer "DNA (5'-D(*(3D1)P*AP*GP*GP*GP*AP*GP*GP*GP*CP*GP*GP*CP*GP*GP*GP*AP*CP*A)-3')"
2 non-polymer "2'-DEOXYGUANOSINE-5'-MONOPHOSPHATE"
#
_entity_poly.entity_id   1
_entity_poly.type   'polydeoxyribonucleotide'
_entity_poly.pdbx_seq_one_letter_code
;(3D1)(DA)(DG)(DG)(DG)(DA)(DG)(DG)(DG)(DC)(DG)(DG)(DC)(DG)(DG)(DG)(DA)(DC)(DA)
;
_entity_poly.pdbx_strand_id   X
#